data_6YTE
#
_entry.id   6YTE
#
_cell.length_a   91.719
_cell.length_b   64.269
_cell.length_c   73.103
_cell.angle_alpha   90.000
_cell.angle_beta   117.730
_cell.angle_gamma   90.000
#
_symmetry.space_group_name_H-M   'C 1 2 1'
#
loop_
_entity.id
_entity.type
_entity.pdbx_description
1 polymer 'Dual specificity protein kinase CLK1'
2 non-polymer (1~{Z})-1-(3-ethyl-5-methoxy-1,3-benzothiazol-2-ylidene)propan-2-one
3 water water
#
_entity_poly.entity_id   1
_entity_poly.type   'polypeptide(L)'
_entity_poly.pdbx_seq_one_letter_code
;SMHLICQSGDVLSARYEIVDTLGEGAFGKVVECIDHKAGGRHVAVKIVKNVDRYCEAARSEIQVLEHLNTTDPNSTFRCV
QMLEWFEHHGHICIVFELLGLSTYDFIKENGFLPFRLDHIRKMAYQICKSVNFLHSNKLTHTDLKPENILFVQSDYTEAY
NPKIKRDERTLINPDIKVVDFGSATYDDEHHSTLVSTRHYRAPEVILALGWSQPCDVWSIGCILIEYYLGFTVFPTHDSK
EHLAMMERILGPLPKHMIQKTRKRKYFHHDRLDWDEHSSAGRYVSRACKPLKEFMLSQDVEHERLFDLIQKMLEYDPAKR
ITLREALKHPFFDLLKKSI
;
_entity_poly.pdbx_strand_id   C
#
loop_
_chem_comp.id
_chem_comp.type
_chem_comp.name
_chem_comp.formula
EAE non-polymer (1~{Z})-1-(3-ethyl-5-methoxy-1,3-benzothiazol-2-ylidene)propan-2-one 'C13 H15 N O2 S'
#
# COMPACT_ATOMS: atom_id res chain seq x y z
N MET A 2 -23.88 -10.58 -3.29
CA MET A 2 -22.61 -11.08 -3.90
C MET A 2 -22.21 -12.43 -3.29
N HIS A 3 -22.42 -12.62 -1.97
CA HIS A 3 -22.53 -13.93 -1.29
C HIS A 3 -23.07 -14.95 -2.29
N LEU A 4 -24.18 -14.58 -2.94
CA LEU A 4 -25.03 -15.46 -3.78
C LEU A 4 -24.34 -15.90 -5.09
N ILE A 5 -23.17 -15.35 -5.46
CA ILE A 5 -22.58 -15.52 -6.83
C ILE A 5 -21.09 -15.87 -6.75
N CYS A 6 -20.52 -16.09 -5.55
CA CYS A 6 -19.07 -16.30 -5.32
C CYS A 6 -18.78 -17.53 -4.42
N GLN A 7 -19.61 -18.58 -4.47
CA GLN A 7 -19.39 -19.86 -3.72
C GLN A 7 -18.40 -20.84 -4.40
N SER A 8 -17.72 -21.66 -3.59
CA SER A 8 -16.88 -22.82 -4.02
C SER A 8 -17.67 -23.69 -4.99
N GLY A 9 -17.11 -23.95 -6.15
CA GLY A 9 -17.74 -24.83 -7.16
C GLY A 9 -18.51 -24.03 -8.19
N ASP A 10 -18.81 -22.77 -7.91
CA ASP A 10 -19.51 -21.92 -8.91
C ASP A 10 -18.57 -21.79 -10.11
N VAL A 11 -19.13 -21.76 -11.32
CA VAL A 11 -18.34 -21.54 -12.56
C VAL A 11 -18.71 -20.17 -13.16
N LEU A 12 -17.72 -19.38 -13.47
CA LEU A 12 -17.86 -18.01 -14.01
C LEU A 12 -17.44 -18.01 -15.49
N SER A 13 -18.21 -17.39 -16.37
CA SER A 13 -17.86 -17.23 -17.80
C SER A 13 -17.58 -18.61 -18.40
N ALA A 14 -18.29 -19.63 -17.92
CA ALA A 14 -18.25 -21.03 -18.42
C ALA A 14 -16.82 -21.58 -18.43
N ARG A 15 -15.95 -21.19 -17.49
CA ARG A 15 -14.56 -21.71 -17.49
C ARG A 15 -13.90 -21.60 -16.10
N TYR A 16 -14.20 -20.58 -15.33
CA TYR A 16 -13.48 -20.30 -14.06
C TYR A 16 -14.24 -20.98 -12.92
N GLU A 17 -13.73 -22.10 -12.44
CA GLU A 17 -14.31 -22.84 -11.29
C GLU A 17 -13.73 -22.28 -9.99
N ILE A 18 -14.57 -21.67 -9.17
CA ILE A 18 -14.14 -21.10 -7.83
C ILE A 18 -13.68 -22.23 -6.91
N VAL A 19 -12.46 -22.13 -6.37
CA VAL A 19 -11.88 -23.12 -5.44
C VAL A 19 -11.69 -22.53 -4.03
N ASP A 20 -11.64 -21.21 -3.89
CA ASP A 20 -11.21 -20.56 -2.63
C ASP A 20 -11.38 -19.04 -2.69
N THR A 21 -11.38 -18.40 -1.54
CA THR A 21 -11.39 -16.93 -1.42
C THR A 21 -9.96 -16.44 -1.17
N LEU A 22 -9.56 -15.41 -1.86
CA LEU A 22 -8.20 -14.83 -1.75
C LEU A 22 -8.19 -13.63 -0.83
N GLY A 23 -9.21 -12.79 -0.91
CA GLY A 23 -9.28 -11.51 -0.18
C GLY A 23 -10.67 -10.91 -0.33
N GLU A 24 -11.10 -10.07 0.61
CA GLU A 24 -12.35 -9.29 0.44
C GLU A 24 -12.18 -7.88 0.99
N GLY A 25 -13.23 -7.08 0.96
CA GLY A 25 -13.14 -5.63 1.17
C GLY A 25 -14.42 -4.97 0.79
N ALA A 26 -14.40 -3.65 0.64
CA ALA A 26 -15.59 -2.85 0.29
C ALA A 26 -15.77 -2.90 -1.24
N PHE A 27 -14.71 -3.22 -2.00
CA PHE A 27 -14.74 -3.34 -3.49
C PHE A 27 -15.50 -4.60 -3.92
N GLY A 28 -15.51 -5.63 -3.09
CA GLY A 28 -16.06 -6.98 -3.39
C GLY A 28 -15.12 -8.07 -2.91
N LYS A 29 -14.92 -9.11 -3.74
CA LYS A 29 -14.19 -10.34 -3.32
C LYS A 29 -13.19 -10.72 -4.43
N VAL A 30 -12.03 -11.24 -4.06
CA VAL A 30 -11.14 -11.94 -5.02
C VAL A 30 -11.17 -13.43 -4.66
N VAL A 31 -11.38 -14.29 -5.67
CA VAL A 31 -11.55 -15.75 -5.52
C VAL A 31 -10.53 -16.49 -6.39
N GLU A 32 -9.97 -17.57 -5.89
CA GLU A 32 -9.08 -18.41 -6.70
C GLU A 32 -9.94 -19.30 -7.58
N CYS A 33 -9.65 -19.36 -8.88
CA CYS A 33 -10.43 -20.19 -9.84
C CYS A 33 -9.52 -21.16 -10.62
N ILE A 34 -9.97 -22.38 -10.82
CA ILE A 34 -9.42 -23.23 -11.93
C ILE A 34 -10.02 -22.69 -13.25
N ASP A 35 -9.16 -22.29 -14.20
CA ASP A 35 -9.54 -21.97 -15.59
C ASP A 35 -9.52 -23.24 -16.46
N HIS A 36 -10.67 -23.84 -16.66
CA HIS A 36 -10.81 -25.12 -17.44
C HIS A 36 -10.50 -24.88 -18.93
N LYS A 37 -10.29 -23.64 -19.38
CA LYS A 37 -9.96 -23.33 -20.81
C LYS A 37 -8.55 -22.80 -20.94
N ALA A 38 -7.75 -22.81 -19.86
CA ALA A 38 -6.28 -22.63 -19.96
C ALA A 38 -5.57 -23.81 -19.30
N GLY A 39 -6.02 -25.02 -19.62
CA GLY A 39 -5.40 -26.26 -19.13
C GLY A 39 -5.38 -26.37 -17.61
N GLY A 40 -6.38 -25.80 -16.90
CA GLY A 40 -6.53 -26.01 -15.45
C GLY A 40 -5.69 -25.05 -14.62
N ARG A 41 -5.04 -24.07 -15.26
CA ARG A 41 -4.32 -22.94 -14.60
C ARG A 41 -5.16 -22.29 -13.49
N HIS A 42 -4.59 -22.05 -12.31
CA HIS A 42 -5.23 -21.28 -11.22
C HIS A 42 -5.03 -19.81 -11.54
N VAL A 43 -6.10 -19.02 -11.44
CA VAL A 43 -6.10 -17.54 -11.65
C VAL A 43 -6.84 -16.90 -10.49
N ALA A 44 -6.75 -15.58 -10.38
CA ALA A 44 -7.53 -14.76 -9.45
C ALA A 44 -8.60 -14.00 -10.25
N VAL A 45 -9.82 -13.94 -9.70
CA VAL A 45 -10.97 -13.17 -10.25
C VAL A 45 -11.54 -12.26 -9.15
N LYS A 46 -11.47 -10.97 -9.40
CA LYS A 46 -12.01 -9.89 -8.54
C LYS A 46 -13.41 -9.63 -9.03
N ILE A 47 -14.38 -9.96 -8.21
CA ILE A 47 -15.81 -9.77 -8.50
C ILE A 47 -16.16 -8.45 -7.84
N VAL A 48 -16.50 -7.44 -8.63
CA VAL A 48 -16.61 -6.06 -8.13
C VAL A 48 -18.05 -5.82 -7.69
N LYS A 49 -18.20 -5.27 -6.49
CA LYS A 49 -19.52 -4.94 -5.92
C LYS A 49 -20.32 -4.14 -6.95
N ASN A 50 -21.61 -4.45 -7.05
CA ASN A 50 -22.56 -3.83 -8.03
C ASN A 50 -23.08 -2.49 -7.47
N VAL A 51 -22.16 -1.53 -7.30
CA VAL A 51 -22.43 -0.14 -6.80
C VAL A 51 -21.69 0.81 -7.75
N ASP A 52 -22.32 1.94 -8.10
N ASP A 52 -22.36 1.92 -8.13
CA ASP A 52 -21.77 2.93 -9.07
CA ASP A 52 -21.83 3.04 -8.98
C ASP A 52 -20.28 3.17 -8.77
C ASP A 52 -20.31 3.17 -8.76
N ARG A 53 -19.92 3.48 -7.51
CA ARG A 53 -18.53 3.82 -7.14
C ARG A 53 -17.56 2.71 -7.64
N TYR A 54 -17.80 1.45 -7.29
CA TYR A 54 -16.87 0.31 -7.52
C TYR A 54 -16.99 -0.15 -8.99
N CYS A 55 -18.17 0.01 -9.61
CA CYS A 55 -18.35 -0.24 -11.06
C CYS A 55 -17.47 0.74 -11.83
N GLU A 56 -17.58 2.05 -11.50
CA GLU A 56 -16.76 3.11 -12.13
C GLU A 56 -15.28 2.86 -11.87
N ALA A 57 -14.92 2.48 -10.64
CA ALA A 57 -13.52 2.24 -10.23
C ALA A 57 -12.96 1.05 -11.06
N ALA A 58 -13.78 0.02 -11.30
CA ALA A 58 -13.38 -1.24 -12.00
C ALA A 58 -13.17 -0.91 -13.48
N ARG A 59 -13.97 -0.01 -14.03
CA ARG A 59 -13.81 0.46 -15.43
C ARG A 59 -12.50 1.26 -15.52
N SER A 60 -12.20 2.05 -14.51
CA SER A 60 -10.96 2.84 -14.48
C SER A 60 -9.77 1.88 -14.37
N GLU A 61 -9.87 0.86 -13.51
CA GLU A 61 -8.78 -0.10 -13.25
C GLU A 61 -8.45 -0.85 -14.53
N ILE A 62 -9.47 -1.31 -15.22
CA ILE A 62 -9.32 -2.05 -16.49
C ILE A 62 -8.54 -1.19 -17.48
N GLN A 63 -8.91 0.09 -17.65
CA GLN A 63 -8.23 1.00 -18.62
C GLN A 63 -6.76 1.19 -18.20
N VAL A 64 -6.48 1.33 -16.90
CA VAL A 64 -5.10 1.50 -16.36
C VAL A 64 -4.28 0.26 -16.64
N LEU A 65 -4.88 -0.91 -16.43
CA LEU A 65 -4.14 -2.17 -16.53
C LEU A 65 -3.82 -2.47 -18.00
N GLU A 66 -4.73 -2.15 -18.90
CA GLU A 66 -4.52 -2.31 -20.36
C GLU A 66 -3.31 -1.48 -20.75
N HIS A 67 -3.20 -0.25 -20.22
CA HIS A 67 -2.10 0.69 -20.51
C HIS A 67 -0.79 0.12 -19.93
N LEU A 68 -0.75 -0.27 -18.64
CA LEU A 68 0.49 -0.67 -17.92
C LEU A 68 0.97 -2.02 -18.50
N ASN A 69 0.04 -2.98 -18.63
CA ASN A 69 0.28 -4.32 -19.19
C ASN A 69 0.88 -4.23 -20.61
N THR A 70 0.32 -3.44 -21.53
CA THR A 70 0.86 -3.34 -22.91
C THR A 70 2.14 -2.49 -22.89
N THR A 71 2.26 -1.51 -22.00
CA THR A 71 3.52 -0.71 -21.93
C THR A 71 4.67 -1.60 -21.44
N ASP A 72 4.37 -2.55 -20.59
CA ASP A 72 5.38 -3.41 -19.92
C ASP A 72 4.91 -4.86 -19.97
N PRO A 73 4.93 -5.50 -21.17
CA PRO A 73 4.36 -6.83 -21.34
C PRO A 73 5.04 -7.90 -20.50
N ASN A 74 6.31 -7.74 -20.13
CA ASN A 74 7.06 -8.76 -19.33
C ASN A 74 6.82 -8.57 -17.82
N SER A 75 6.16 -7.47 -17.43
CA SER A 75 5.93 -7.11 -16.01
C SER A 75 7.27 -6.92 -15.31
N THR A 76 8.23 -6.32 -15.98
CA THR A 76 9.51 -5.88 -15.42
C THR A 76 9.27 -4.94 -14.21
N PHE A 77 8.21 -4.15 -14.22
CA PHE A 77 7.93 -3.16 -13.17
C PHE A 77 6.84 -3.68 -12.25
N ARG A 78 6.53 -4.98 -12.30
CA ARG A 78 5.86 -5.73 -11.23
C ARG A 78 4.45 -5.19 -10.93
N CYS A 79 3.73 -4.66 -11.93
CA CYS A 79 2.28 -4.46 -11.78
C CYS A 79 1.58 -5.79 -12.13
N VAL A 80 0.53 -6.11 -11.39
CA VAL A 80 -0.26 -7.34 -11.66
C VAL A 80 -0.71 -7.33 -13.12
N GLN A 81 -0.64 -8.50 -13.76
N GLN A 81 -0.71 -8.50 -13.75
CA GLN A 81 -1.11 -8.78 -15.13
CA GLN A 81 -1.11 -8.64 -15.16
C GLN A 81 -2.62 -9.06 -15.09
C GLN A 81 -2.56 -9.11 -15.21
N MET A 82 -3.40 -8.33 -15.87
CA MET A 82 -4.84 -8.63 -16.05
C MET A 82 -4.96 -9.56 -17.26
N LEU A 83 -5.75 -10.63 -17.15
CA LEU A 83 -5.88 -11.65 -18.24
C LEU A 83 -7.04 -11.28 -19.17
N GLU A 84 -8.17 -10.88 -18.60
CA GLU A 84 -9.37 -10.35 -19.30
C GLU A 84 -10.36 -9.89 -18.20
N TRP A 85 -11.52 -9.38 -18.62
CA TRP A 85 -12.68 -9.12 -17.72
C TRP A 85 -13.98 -9.60 -18.40
N PHE A 86 -15.04 -9.72 -17.60
CA PHE A 86 -16.40 -10.12 -18.04
C PHE A 86 -17.42 -9.67 -16.98
N GLU A 87 -18.69 -9.95 -17.26
CA GLU A 87 -19.92 -9.63 -16.48
C GLU A 87 -20.57 -10.94 -16.00
N HIS A 88 -20.88 -11.01 -14.72
CA HIS A 88 -21.45 -12.18 -14.03
C HIS A 88 -22.56 -11.58 -13.17
N HIS A 89 -23.80 -11.76 -13.63
CA HIS A 89 -25.04 -11.36 -12.90
C HIS A 89 -24.96 -9.89 -12.51
N GLY A 90 -24.57 -9.01 -13.45
CA GLY A 90 -24.48 -7.54 -13.26
C GLY A 90 -23.20 -7.10 -12.57
N HIS A 91 -22.29 -8.02 -12.21
CA HIS A 91 -20.98 -7.66 -11.57
C HIS A 91 -19.87 -7.68 -12.60
N ILE A 92 -19.00 -6.69 -12.59
CA ILE A 92 -17.75 -6.76 -13.40
C ILE A 92 -16.84 -7.71 -12.65
N CYS A 93 -16.23 -8.64 -13.40
CA CYS A 93 -15.24 -9.61 -12.89
C CYS A 93 -13.93 -9.41 -13.67
N ILE A 94 -12.83 -9.08 -12.99
CA ILE A 94 -11.51 -8.90 -13.62
C ILE A 94 -10.68 -10.11 -13.25
N VAL A 95 -10.16 -10.78 -14.26
CA VAL A 95 -9.29 -11.98 -14.15
C VAL A 95 -7.84 -11.52 -14.14
N PHE A 96 -7.05 -11.98 -13.18
CA PHE A 96 -5.61 -11.72 -13.06
C PHE A 96 -4.85 -13.02 -12.91
N GLU A 97 -3.56 -12.95 -13.24
CA GLU A 97 -2.51 -13.92 -12.83
C GLU A 97 -2.64 -14.14 -11.32
N LEU A 98 -2.54 -15.39 -10.87
CA LEU A 98 -2.62 -15.73 -9.41
C LEU A 98 -1.30 -15.32 -8.76
N LEU A 99 -1.34 -14.42 -7.78
CA LEU A 99 -0.14 -14.02 -6.98
C LEU A 99 -0.12 -14.79 -5.64
N GLY A 100 0.72 -14.40 -4.68
CA GLY A 100 0.70 -15.05 -3.36
C GLY A 100 -0.07 -14.28 -2.28
N LEU A 101 0.36 -14.43 -1.05
CA LEU A 101 -0.13 -13.66 0.11
C LEU A 101 0.20 -12.15 -0.03
N SER A 102 -0.70 -11.28 0.42
CA SER A 102 -0.40 -9.86 0.81
C SER A 102 0.69 -9.83 1.88
N THR A 103 1.52 -8.76 1.82
CA THR A 103 2.48 -8.38 2.88
C THR A 103 1.70 -8.15 4.18
N TYR A 104 0.46 -7.69 4.11
CA TYR A 104 -0.42 -7.42 5.28
C TYR A 104 -0.77 -8.74 5.99
N ASP A 105 -1.31 -9.70 5.25
CA ASP A 105 -1.70 -11.00 5.82
C ASP A 105 -0.45 -11.69 6.39
N PHE A 106 0.69 -11.61 5.71
CA PHE A 106 1.90 -12.34 6.13
C PHE A 106 2.34 -11.86 7.53
N ILE A 107 2.42 -10.55 7.72
CA ILE A 107 2.84 -9.93 9.00
C ILE A 107 1.78 -10.27 10.08
N LYS A 108 0.52 -10.03 9.75
CA LYS A 108 -0.63 -10.15 10.68
C LYS A 108 -0.71 -11.58 11.21
N GLU A 109 -0.72 -12.59 10.33
CA GLU A 109 -0.88 -14.00 10.75
C GLU A 109 0.38 -14.50 11.48
N ASN A 110 1.52 -13.81 11.36
CA ASN A 110 2.74 -14.16 12.14
C ASN A 110 2.72 -13.44 13.49
N GLY A 111 1.60 -12.84 13.88
CA GLY A 111 1.49 -12.13 15.18
C GLY A 111 2.12 -10.76 15.12
N PHE A 112 2.10 -10.14 13.94
CA PHE A 112 2.58 -8.74 13.71
C PHE A 112 4.08 -8.70 13.93
N LEU A 113 4.77 -9.75 13.48
CA LEU A 113 6.23 -9.85 13.55
C LEU A 113 6.77 -9.25 12.26
N PRO A 114 7.83 -8.43 12.35
CA PRO A 114 8.36 -7.72 11.18
C PRO A 114 9.13 -8.58 10.16
N PHE A 115 9.24 -8.11 8.92
CA PHE A 115 10.19 -8.65 7.92
C PHE A 115 11.64 -8.38 8.35
N ARG A 116 12.53 -9.31 8.04
CA ARG A 116 13.98 -9.16 8.13
C ARG A 116 14.47 -8.02 7.23
N LEU A 117 15.54 -7.34 7.61
CA LEU A 117 16.01 -6.11 6.94
C LEU A 117 16.41 -6.42 5.48
N ASP A 118 17.01 -7.60 5.24
N ASP A 118 17.01 -7.56 5.19
CA ASP A 118 17.48 -8.05 3.90
CA ASP A 118 17.49 -7.84 3.81
C ASP A 118 16.25 -8.13 2.99
C ASP A 118 16.27 -8.20 2.93
N HIS A 119 15.16 -8.70 3.51
CA HIS A 119 13.87 -8.82 2.79
C HIS A 119 13.29 -7.43 2.49
N ILE A 120 13.21 -6.56 3.51
CA ILE A 120 12.68 -5.17 3.37
C ILE A 120 13.46 -4.44 2.25
N ARG A 121 14.76 -4.58 2.25
CA ARG A 121 15.62 -3.92 1.24
C ARG A 121 15.15 -4.34 -0.16
N LYS A 122 15.00 -5.65 -0.42
CA LYS A 122 14.58 -6.19 -1.75
C LYS A 122 13.16 -5.74 -2.03
N MET A 123 12.30 -5.74 -1.01
CA MET A 123 10.87 -5.37 -1.19
C MET A 123 10.76 -3.87 -1.45
N ALA A 124 11.45 -3.02 -0.70
CA ALA A 124 11.37 -1.56 -0.88
C ALA A 124 11.84 -1.19 -2.29
N TYR A 125 12.88 -1.83 -2.76
CA TYR A 125 13.45 -1.54 -4.09
C TYR A 125 12.38 -1.78 -5.15
N GLN A 126 11.75 -2.97 -5.09
CA GLN A 126 10.76 -3.45 -6.09
C GLN A 126 9.51 -2.57 -6.02
N ILE A 127 9.03 -2.29 -4.81
CA ILE A 127 7.88 -1.35 -4.63
C ILE A 127 8.27 -0.01 -5.27
N CYS A 128 9.44 0.52 -4.98
CA CYS A 128 9.88 1.84 -5.53
C CYS A 128 9.96 1.77 -7.06
N LYS A 129 10.51 0.69 -7.63
CA LYS A 129 10.60 0.53 -9.10
C LYS A 129 9.21 0.48 -9.71
N SER A 130 8.31 -0.27 -9.09
CA SER A 130 6.96 -0.52 -9.66
C SER A 130 6.19 0.81 -9.70
N VAL A 131 6.13 1.50 -8.58
CA VAL A 131 5.36 2.74 -8.45
C VAL A 131 6.05 3.85 -9.27
N ASN A 132 7.37 3.84 -9.36
CA ASN A 132 8.10 4.83 -10.19
C ASN A 132 7.69 4.65 -11.64
N PHE A 133 7.42 3.40 -12.06
CA PHE A 133 6.87 3.10 -13.40
C PHE A 133 5.54 3.84 -13.57
N LEU A 134 4.62 3.77 -12.59
CA LEU A 134 3.34 4.54 -12.67
C LEU A 134 3.69 6.01 -12.78
N HIS A 135 4.58 6.49 -11.94
CA HIS A 135 4.96 7.92 -11.96
C HIS A 135 5.42 8.27 -13.38
N SER A 136 6.22 7.45 -14.03
CA SER A 136 6.77 7.78 -15.38
C SER A 136 5.62 7.91 -16.40
N ASN A 137 4.51 7.22 -16.16
CA ASN A 137 3.40 7.06 -17.14
C ASN A 137 2.21 7.90 -16.69
N LYS A 138 2.51 8.96 -15.90
CA LYS A 138 1.61 10.09 -15.55
C LYS A 138 0.48 9.61 -14.64
N LEU A 139 0.78 8.62 -13.79
CA LEU A 139 -0.16 8.06 -12.79
C LEU A 139 0.36 8.24 -11.36
N THR A 140 -0.60 8.39 -10.44
CA THR A 140 -0.45 8.24 -8.97
C THR A 140 -1.33 7.08 -8.49
N HIS A 141 -0.80 6.09 -7.78
CA HIS A 141 -1.60 4.93 -7.31
C HIS A 141 -2.72 5.45 -6.41
N THR A 142 -2.32 6.10 -5.32
CA THR A 142 -3.15 6.83 -4.31
C THR A 142 -3.61 5.94 -3.17
N ASP A 143 -3.43 4.61 -3.23
CA ASP A 143 -3.88 3.72 -2.13
C ASP A 143 -2.85 2.61 -1.90
N LEU A 144 -1.58 2.98 -1.81
CA LEU A 144 -0.50 2.03 -1.45
C LEU A 144 -0.62 1.68 0.03
N LYS A 145 -0.61 0.38 0.32
CA LYS A 145 -0.70 -0.17 1.67
C LYS A 145 -0.30 -1.63 1.61
N PRO A 146 0.05 -2.29 2.72
CA PRO A 146 0.52 -3.67 2.64
C PRO A 146 -0.47 -4.65 1.98
N GLU A 147 -1.78 -4.41 2.13
CA GLU A 147 -2.87 -5.16 1.47
C GLU A 147 -2.69 -5.16 -0.05
N ASN A 148 -2.08 -4.12 -0.62
CA ASN A 148 -2.00 -3.96 -2.09
C ASN A 148 -0.59 -4.26 -2.59
N ILE A 149 0.29 -4.70 -1.71
CA ILE A 149 1.60 -5.27 -2.13
C ILE A 149 1.54 -6.77 -1.87
N LEU A 150 1.70 -7.57 -2.93
CA LEU A 150 1.54 -9.05 -2.85
C LEU A 150 2.83 -9.71 -3.22
N PHE A 151 3.18 -10.76 -2.49
CA PHE A 151 4.21 -11.71 -2.91
C PHE A 151 3.76 -12.31 -4.23
N VAL A 152 4.67 -12.31 -5.21
CA VAL A 152 4.51 -12.96 -6.55
C VAL A 152 4.11 -14.42 -6.34
N GLN A 153 4.80 -15.10 -5.43
CA GLN A 153 4.79 -16.58 -5.30
C GLN A 153 4.46 -16.95 -3.85
N SER A 154 4.08 -18.22 -3.65
CA SER A 154 4.00 -18.90 -2.34
C SER A 154 5.40 -19.42 -1.94
N ASP A 155 6.36 -18.50 -1.92
CA ASP A 155 7.79 -18.81 -1.69
C ASP A 155 8.12 -18.60 -0.20
N TYR A 156 7.47 -19.37 0.68
CA TYR A 156 7.66 -19.41 2.15
C TYR A 156 7.55 -20.86 2.62
N THR A 157 7.97 -21.17 3.83
CA THR A 157 7.57 -22.39 4.59
C THR A 157 6.65 -21.98 5.74
N GLU A 158 5.75 -22.87 6.18
CA GLU A 158 4.90 -22.60 7.37
C GLU A 158 4.85 -23.86 8.25
N ALA A 159 4.94 -23.72 9.55
CA ALA A 159 4.84 -24.85 10.49
C ALA A 159 3.97 -24.43 11.66
N TYR A 160 3.03 -25.32 12.04
CA TYR A 160 2.19 -25.10 13.23
C TYR A 160 3.13 -25.02 14.42
N ASN A 161 3.02 -24.01 15.28
CA ASN A 161 3.80 -23.94 16.53
C ASN A 161 2.79 -24.02 17.68
N PRO A 162 2.75 -25.16 18.44
CA PRO A 162 1.77 -25.34 19.52
C PRO A 162 1.91 -24.40 20.74
N LYS A 163 3.04 -23.73 20.87
CA LYS A 163 3.34 -22.89 22.08
C LYS A 163 2.52 -21.60 22.01
N ILE A 164 2.22 -21.16 20.78
CA ILE A 164 1.50 -19.90 20.43
C ILE A 164 0.27 -20.21 19.57
N LYS A 165 0.05 -21.47 19.20
CA LYS A 165 -1.23 -21.95 18.60
C LYS A 165 -1.53 -21.21 17.28
N ARG A 166 -0.52 -21.06 16.44
CA ARG A 166 -0.64 -20.50 15.09
C ARG A 166 0.43 -21.20 14.23
N ASP A 167 0.24 -21.18 12.92
CA ASP A 167 1.31 -21.34 11.94
C ASP A 167 2.21 -20.11 11.98
N GLU A 168 3.52 -20.33 11.84
CA GLU A 168 4.52 -19.29 11.52
C GLU A 168 4.97 -19.54 10.09
N ARG A 169 4.99 -18.49 9.29
CA ARG A 169 5.47 -18.48 7.90
C ARG A 169 6.86 -17.84 7.87
N THR A 170 7.80 -18.48 7.18
CA THR A 170 9.18 -17.97 7.00
C THR A 170 9.39 -17.68 5.50
N LEU A 171 9.70 -16.43 5.20
CA LEU A 171 9.90 -15.99 3.80
C LEU A 171 11.18 -16.63 3.25
N ILE A 172 11.09 -17.33 2.11
CA ILE A 172 12.25 -17.81 1.31
C ILE A 172 12.69 -16.67 0.38
N ASN A 173 11.78 -16.25 -0.47
CA ASN A 173 12.02 -15.17 -1.44
C ASN A 173 10.94 -14.11 -1.22
N PRO A 174 11.33 -12.81 -1.28
CA PRO A 174 10.42 -11.74 -0.96
C PRO A 174 9.84 -10.91 -2.11
N ASP A 175 9.92 -11.42 -3.34
CA ASP A 175 9.50 -10.69 -4.58
C ASP A 175 8.01 -10.32 -4.50
N ILE A 176 7.65 -9.11 -4.88
CA ILE A 176 6.25 -8.65 -4.74
C ILE A 176 5.75 -8.15 -6.09
N LYS A 177 4.45 -7.92 -6.19
CA LYS A 177 3.85 -7.08 -7.24
C LYS A 177 2.90 -6.09 -6.57
N VAL A 178 2.45 -5.10 -7.30
CA VAL A 178 1.46 -4.11 -6.83
C VAL A 178 0.13 -4.40 -7.49
N VAL A 179 -0.94 -4.34 -6.68
CA VAL A 179 -2.33 -4.57 -7.15
C VAL A 179 -3.18 -3.34 -6.81
N ASP A 180 -4.42 -3.34 -7.32
CA ASP A 180 -5.50 -2.36 -7.02
C ASP A 180 -5.21 -1.01 -7.68
N PHE A 181 -5.61 -0.87 -8.94
CA PHE A 181 -5.42 0.34 -9.74
C PHE A 181 -6.79 1.00 -9.85
N GLY A 182 -7.75 0.52 -9.05
CA GLY A 182 -9.11 1.11 -8.96
C GLY A 182 -9.13 2.58 -8.54
N SER A 183 -8.07 3.13 -7.97
CA SER A 183 -8.01 4.54 -7.47
C SER A 183 -7.01 5.35 -8.29
N ALA A 184 -6.19 4.68 -9.08
CA ALA A 184 -5.05 5.30 -9.75
C ALA A 184 -5.60 6.41 -10.65
N THR A 185 -4.95 7.53 -10.62
CA THR A 185 -5.42 8.78 -11.20
C THR A 185 -4.33 9.30 -12.11
N TYR A 186 -4.70 9.72 -13.31
CA TYR A 186 -3.79 10.29 -14.32
C TYR A 186 -3.58 11.75 -13.96
N ASP A 187 -2.48 12.31 -14.39
CA ASP A 187 -2.12 13.69 -14.02
C ASP A 187 -3.23 14.66 -14.46
N ASP A 188 -3.83 14.41 -15.63
N ASP A 188 -3.84 14.45 -15.62
CA ASP A 188 -4.75 15.34 -16.36
CA ASP A 188 -4.74 15.45 -16.28
C ASP A 188 -6.19 15.16 -15.86
C ASP A 188 -6.22 15.01 -16.09
N GLU A 189 -6.49 14.02 -15.22
CA GLU A 189 -7.84 13.65 -14.73
C GLU A 189 -8.20 14.42 -13.46
N HIS A 190 -9.48 14.45 -13.12
CA HIS A 190 -9.97 15.06 -11.84
C HIS A 190 -9.40 14.29 -10.64
N HIS A 191 -8.98 15.03 -9.62
CA HIS A 191 -8.34 14.51 -8.39
C HIS A 191 -9.41 14.47 -7.29
N SER A 192 -9.81 13.29 -6.79
CA SER A 192 -10.64 13.17 -5.55
C SER A 192 -10.04 14.06 -4.45
N THR A 193 -10.88 14.64 -3.60
CA THR A 193 -10.39 15.31 -2.36
C THR A 193 -9.77 14.26 -1.43
N LEU A 194 -10.54 13.28 -0.99
CA LEU A 194 -10.06 12.23 -0.06
C LEU A 194 -9.48 11.08 -0.88
N VAL A 195 -8.20 10.72 -0.66
CA VAL A 195 -7.56 9.51 -1.27
C VAL A 195 -6.74 8.83 -0.18
N SER A 196 -6.41 7.55 -0.38
CA SER A 196 -5.53 6.78 0.52
C SER A 196 -6.33 6.27 1.73
N THR A 197 -5.80 5.22 2.34
CA THR A 197 -6.28 4.56 3.58
C THR A 197 -5.62 5.26 4.78
N ARG A 198 -6.41 5.63 5.79
CA ARG A 198 -6.05 6.59 6.87
C ARG A 198 -4.55 6.49 7.17
N HIS A 199 -4.09 5.35 7.67
CA HIS A 199 -2.72 5.15 8.19
C HIS A 199 -1.69 5.55 7.12
N TYR A 200 -2.05 5.55 5.83
CA TYR A 200 -1.07 5.70 4.73
C TYR A 200 -1.23 7.07 4.04
N ARG A 201 -2.11 7.94 4.56
CA ARG A 201 -2.49 9.21 3.91
C ARG A 201 -1.43 10.30 4.16
N ALA A 202 -1.00 10.99 3.11
CA ALA A 202 0.00 12.08 3.17
C ALA A 202 -0.63 13.31 3.82
N PRO A 203 0.18 14.15 4.49
CA PRO A 203 -0.31 15.37 5.10
C PRO A 203 -0.96 16.32 4.07
N GLU A 204 -0.50 16.33 2.81
CA GLU A 204 -1.10 17.26 1.81
C GLU A 204 -2.51 16.77 1.45
N VAL A 205 -2.78 15.47 1.61
CA VAL A 205 -4.17 14.94 1.43
C VAL A 205 -5.00 15.35 2.63
N ILE A 206 -4.56 15.05 3.84
CA ILE A 206 -5.35 15.40 5.04
C ILE A 206 -5.74 16.87 4.95
N LEU A 207 -4.83 17.76 4.53
CA LEU A 207 -5.01 19.24 4.55
C LEU A 207 -5.58 19.75 3.20
N ALA A 208 -5.90 18.85 2.27
CA ALA A 208 -6.65 19.20 1.06
C ALA A 208 -5.94 20.34 0.30
N LEU A 209 -4.60 20.31 0.23
CA LEU A 209 -3.72 21.32 -0.42
C LEU A 209 -3.43 20.90 -1.85
N GLY A 210 -3.96 19.75 -2.27
CA GLY A 210 -3.71 19.20 -3.60
C GLY A 210 -2.66 18.08 -3.52
N TRP A 211 -2.70 17.13 -4.45
CA TRP A 211 -1.81 15.96 -4.37
C TRP A 211 -1.45 15.45 -5.78
N SER A 212 -0.37 14.67 -5.80
CA SER A 212 0.33 14.18 -7.00
C SER A 212 1.06 12.91 -6.64
N GLN A 213 1.99 12.53 -7.52
CA GLN A 213 2.96 11.44 -7.29
C GLN A 213 3.46 11.42 -5.85
N PRO A 214 3.91 12.56 -5.24
CA PRO A 214 4.49 12.52 -3.91
C PRO A 214 3.62 11.86 -2.82
N CYS A 215 2.28 11.91 -2.90
CA CYS A 215 1.42 11.25 -1.88
C CYS A 215 1.70 9.73 -1.91
N ASP A 216 2.14 9.20 -3.05
CA ASP A 216 2.54 7.76 -3.11
C ASP A 216 3.81 7.53 -2.29
N VAL A 217 4.77 8.42 -2.42
CA VAL A 217 6.07 8.33 -1.70
C VAL A 217 5.84 8.33 -0.18
N TRP A 218 4.95 9.19 0.31
CA TRP A 218 4.58 9.20 1.74
C TRP A 218 4.09 7.79 2.12
N SER A 219 3.16 7.24 1.33
CA SER A 219 2.49 5.94 1.65
C SER A 219 3.55 4.83 1.76
N ILE A 220 4.49 4.80 0.80
CA ILE A 220 5.64 3.86 0.80
C ILE A 220 6.47 4.08 2.07
N GLY A 221 6.76 5.30 2.46
CA GLY A 221 7.46 5.50 3.75
C GLY A 221 6.73 4.79 4.89
N CYS A 222 5.41 4.98 5.01
CA CYS A 222 4.56 4.37 6.06
C CYS A 222 4.59 2.84 5.95
N ILE A 223 4.53 2.32 4.74
CA ILE A 223 4.68 0.85 4.51
C ILE A 223 6.03 0.34 5.07
N LEU A 224 7.12 1.04 4.77
CA LEU A 224 8.47 0.52 5.12
C LEU A 224 8.61 0.48 6.63
N ILE A 225 8.18 1.50 7.35
CA ILE A 225 8.34 1.43 8.83
C ILE A 225 7.50 0.26 9.38
N GLU A 226 6.31 0.03 8.83
CA GLU A 226 5.36 -1.06 9.25
C GLU A 226 6.01 -2.44 8.99
N TYR A 227 6.74 -2.57 7.89
CA TYR A 227 7.51 -3.78 7.54
C TYR A 227 8.64 -4.04 8.56
N TYR A 228 9.26 -2.97 9.02
CA TYR A 228 10.40 -2.97 9.95
C TYR A 228 9.90 -3.24 11.38
N LEU A 229 8.76 -2.69 11.78
CA LEU A 229 8.27 -2.79 13.21
C LEU A 229 7.24 -3.92 13.36
N GLY A 230 6.45 -4.20 12.33
CA GLY A 230 5.37 -5.21 12.40
C GLY A 230 4.01 -4.55 12.64
N PHE A 231 4.00 -3.24 12.89
CA PHE A 231 2.80 -2.39 13.11
C PHE A 231 3.07 -0.97 12.62
N THR A 232 2.00 -0.18 12.49
CA THR A 232 2.04 1.24 12.02
C THR A 232 2.49 2.17 13.15
N VAL A 233 3.12 3.30 12.84
CA VAL A 233 3.38 4.34 13.88
C VAL A 233 2.23 5.36 13.88
N PHE A 234 1.28 5.24 12.94
CA PHE A 234 0.06 6.09 12.85
C PHE A 234 -1.19 5.24 13.13
N PRO A 235 -1.29 4.59 14.31
CA PRO A 235 -2.44 3.76 14.61
C PRO A 235 -3.63 4.66 15.02
N THR A 236 -4.32 5.25 14.06
CA THR A 236 -5.47 6.10 14.40
C THR A 236 -6.55 6.10 13.32
N HIS A 237 -7.66 6.65 13.75
CA HIS A 237 -9.03 6.59 13.18
C HIS A 237 -9.59 8.03 13.28
N ASP A 238 -8.74 9.03 13.09
CA ASP A 238 -9.01 10.46 13.40
C ASP A 238 -7.89 11.34 12.83
N SER A 239 -8.23 12.26 11.95
CA SER A 239 -7.28 13.11 11.19
C SER A 239 -6.47 14.02 12.13
N LYS A 240 -7.11 14.66 13.09
CA LYS A 240 -6.44 15.57 14.06
C LYS A 240 -5.42 14.75 14.86
N GLU A 241 -5.85 13.66 15.49
CA GLU A 241 -4.97 12.68 16.20
C GLU A 241 -3.80 12.27 15.30
N HIS A 242 -4.09 11.85 14.08
CA HIS A 242 -3.08 11.50 13.06
C HIS A 242 -2.05 12.64 12.95
N LEU A 243 -2.51 13.89 12.81
CA LEU A 243 -1.60 15.05 12.67
C LEU A 243 -0.79 15.25 13.96
N ALA A 244 -1.40 15.03 15.13
CA ALA A 244 -0.71 15.06 16.43
C ALA A 244 0.40 14.00 16.46
N MET A 245 0.14 12.82 15.90
CA MET A 245 1.12 11.71 15.88
C MET A 245 2.26 12.09 14.95
N MET A 246 1.93 12.65 13.80
CA MET A 246 2.95 13.20 12.88
C MET A 246 3.84 14.21 13.63
N GLU A 247 3.27 15.13 14.43
CA GLU A 247 4.09 16.17 15.14
C GLU A 247 5.07 15.47 16.11
N ARG A 248 4.61 14.46 16.86
CA ARG A 248 5.46 13.75 17.87
C ARG A 248 6.49 12.83 17.19
N ILE A 249 6.22 12.30 16.00
CA ILE A 249 7.15 11.30 15.36
C ILE A 249 8.12 12.03 14.43
N LEU A 250 7.66 13.04 13.73
CA LEU A 250 8.39 13.65 12.60
C LEU A 250 8.78 15.10 12.94
N GLY A 251 8.27 15.64 14.04
CA GLY A 251 8.45 17.08 14.35
C GLY A 251 7.32 17.92 13.80
N PRO A 252 7.37 19.26 13.96
CA PRO A 252 6.20 20.10 13.72
C PRO A 252 5.93 20.34 12.22
N LEU A 253 4.65 20.50 11.90
CA LEU A 253 4.23 20.71 10.50
C LEU A 253 4.79 22.05 10.04
N PRO A 254 5.12 22.21 8.74
CA PRO A 254 5.57 23.48 8.25
C PRO A 254 4.40 24.48 8.40
N LYS A 255 4.71 25.65 8.94
CA LYS A 255 3.74 26.75 9.10
C LYS A 255 3.01 26.99 7.79
N HIS A 256 3.68 26.97 6.63
CA HIS A 256 3.02 27.36 5.35
C HIS A 256 1.82 26.44 5.08
N MET A 257 1.94 25.17 5.37
CA MET A 257 0.88 24.14 5.06
C MET A 257 -0.30 24.35 6.02
N ILE A 258 0.02 24.69 7.25
CA ILE A 258 -0.95 24.94 8.32
C ILE A 258 -1.75 26.21 7.97
N GLN A 259 -1.06 27.22 7.43
CA GLN A 259 -1.68 28.55 7.19
C GLN A 259 -2.48 28.46 5.88
N LYS A 260 -2.07 27.65 4.93
CA LYS A 260 -2.74 27.63 3.61
C LYS A 260 -4.01 26.79 3.66
N THR A 261 -4.07 25.77 4.51
CA THR A 261 -5.13 24.73 4.42
C THR A 261 -6.47 25.38 4.71
N ARG A 262 -7.54 24.89 4.05
N ARG A 262 -7.54 24.88 4.08
CA ARG A 262 -8.96 25.24 4.34
CA ARG A 262 -8.94 25.27 4.38
C ARG A 262 -9.44 24.36 5.51
C ARG A 262 -9.47 24.35 5.49
N LYS A 263 -8.78 23.23 5.77
CA LYS A 263 -9.12 22.30 6.88
C LYS A 263 -8.74 22.95 8.24
N ARG A 264 -9.32 24.11 8.54
CA ARG A 264 -8.89 24.95 9.67
C ARG A 264 -9.51 24.43 10.98
N LYS A 265 -10.47 23.49 10.93
CA LYS A 265 -11.10 22.92 12.16
C LYS A 265 -10.00 22.25 13.00
N TYR A 266 -8.97 21.73 12.32
CA TYR A 266 -7.84 20.99 12.91
C TYR A 266 -6.91 21.90 13.70
N PHE A 267 -6.93 23.21 13.44
CA PHE A 267 -5.92 24.17 13.94
C PHE A 267 -6.59 25.28 14.77
N HIS A 268 -5.73 26.04 15.41
CA HIS A 268 -6.02 27.29 16.16
C HIS A 268 -4.81 28.22 15.99
N HIS A 269 -5.02 29.40 15.40
CA HIS A 269 -3.91 30.27 14.90
C HIS A 269 -2.97 29.35 14.11
N ASP A 270 -1.68 29.29 14.45
CA ASP A 270 -0.75 28.55 13.55
C ASP A 270 -0.21 27.27 14.22
N ARG A 271 -0.97 26.67 15.13
CA ARG A 271 -0.61 25.39 15.78
C ARG A 271 -1.82 24.45 15.62
N LEU A 272 -1.58 23.15 15.70
CA LEU A 272 -2.65 22.14 15.82
C LEU A 272 -3.49 22.47 17.03
N ASP A 273 -4.81 22.39 16.91
CA ASP A 273 -5.77 22.62 18.01
C ASP A 273 -5.86 21.33 18.84
N TRP A 274 -4.84 21.06 19.66
CA TRP A 274 -4.60 19.73 20.27
C TRP A 274 -4.33 19.90 21.77
N ASP A 275 -5.18 19.28 22.61
CA ASP A 275 -5.01 19.29 24.09
C ASP A 275 -4.04 18.15 24.46
N GLU A 276 -2.74 18.45 24.39
CA GLU A 276 -1.56 17.66 24.85
C GLU A 276 -1.83 17.02 26.22
N HIS A 277 -2.52 17.73 27.12
CA HIS A 277 -2.67 17.40 28.56
C HIS A 277 -4.02 16.70 28.83
N SER A 278 -4.88 16.52 27.83
CA SER A 278 -6.07 15.64 27.96
C SER A 278 -5.63 14.18 28.06
N SER A 279 -6.53 13.34 28.55
CA SER A 279 -6.38 11.86 28.49
C SER A 279 -5.85 11.42 27.12
N ALA A 280 -6.54 11.82 26.05
CA ALA A 280 -6.27 11.32 24.67
C ALA A 280 -4.89 11.81 24.23
N GLY A 281 -4.52 13.04 24.65
CA GLY A 281 -3.24 13.68 24.29
C GLY A 281 -2.02 13.00 24.94
N ARG A 282 -2.10 12.66 26.24
CA ARG A 282 -1.07 11.87 26.96
C ARG A 282 -0.99 10.46 26.33
N TYR A 283 -2.13 9.83 26.05
CA TYR A 283 -2.19 8.54 25.29
C TYR A 283 -1.30 8.63 24.04
N VAL A 284 -1.53 9.62 23.16
CA VAL A 284 -0.75 9.77 21.87
C VAL A 284 0.73 9.97 22.18
N SER A 285 1.05 10.80 23.17
CA SER A 285 2.45 11.04 23.61
C SER A 285 3.13 9.72 24.01
N ARG A 286 2.42 8.83 24.71
N ARG A 286 2.40 8.79 24.65
CA ARG A 286 2.95 7.51 25.12
CA ARG A 286 2.94 7.49 25.14
C ARG A 286 3.21 6.66 23.88
C ARG A 286 2.96 6.42 24.04
N ALA A 287 2.29 6.67 22.92
CA ALA A 287 2.34 5.80 21.72
C ALA A 287 3.40 6.33 20.74
N CYS A 288 3.92 7.53 20.97
CA CYS A 288 4.74 8.28 19.97
C CYS A 288 6.09 8.68 20.54
N LYS A 289 7.10 8.58 19.68
CA LYS A 289 8.44 9.13 19.93
C LYS A 289 9.05 9.47 18.57
N PRO A 290 10.08 10.33 18.55
CA PRO A 290 10.81 10.65 17.33
C PRO A 290 11.14 9.37 16.55
N LEU A 291 10.92 9.41 15.24
CA LEU A 291 11.13 8.28 14.30
C LEU A 291 12.37 7.43 14.61
N LYS A 292 13.55 8.06 14.71
CA LYS A 292 14.84 7.33 14.81
C LYS A 292 14.86 6.48 16.09
N GLU A 293 13.99 6.76 17.07
CA GLU A 293 13.92 5.97 18.34
C GLU A 293 13.19 4.64 18.10
N PHE A 294 12.48 4.50 17.00
CA PHE A 294 11.84 3.21 16.62
C PHE A 294 12.91 2.22 16.15
N MET A 295 14.15 2.68 15.88
CA MET A 295 15.27 1.84 15.31
C MET A 295 15.57 0.69 16.28
N LEU A 296 15.70 -0.52 15.74
CA LEU A 296 15.90 -1.73 16.56
C LEU A 296 17.40 -2.04 16.69
N SER A 297 18.23 -1.35 15.90
CA SER A 297 19.70 -1.48 15.91
C SER A 297 20.26 -0.10 15.57
N GLN A 298 21.48 0.20 16.03
CA GLN A 298 22.29 1.37 15.63
C GLN A 298 23.12 1.03 14.37
N ASP A 299 23.11 -0.25 13.96
CA ASP A 299 23.88 -0.83 12.82
C ASP A 299 23.57 0.00 11.55
N VAL A 300 24.59 0.38 10.78
CA VAL A 300 24.57 1.38 9.66
C VAL A 300 23.47 1.06 8.61
N GLU A 301 23.15 -0.20 8.35
CA GLU A 301 22.12 -0.57 7.34
C GLU A 301 20.72 -0.26 7.90
N HIS A 302 20.54 -0.27 9.21
CA HIS A 302 19.34 0.28 9.87
C HIS A 302 19.30 1.81 9.73
N GLU A 303 20.44 2.47 9.90
CA GLU A 303 20.53 3.94 9.70
C GLU A 303 20.14 4.27 8.25
N ARG A 304 20.66 3.52 7.29
CA ARG A 304 20.39 3.75 5.85
C ARG A 304 18.87 3.64 5.60
N LEU A 305 18.18 2.61 6.08
CA LEU A 305 16.70 2.51 5.91
C LEU A 305 16.06 3.77 6.50
N PHE A 306 16.41 4.14 7.72
CA PHE A 306 15.65 5.18 8.46
C PHE A 306 15.86 6.54 7.78
N ASP A 307 17.00 6.74 7.13
CA ASP A 307 17.29 7.98 6.40
C ASP A 307 16.37 8.04 5.17
N LEU A 308 16.17 6.91 4.49
CA LEU A 308 15.23 6.88 3.35
C LEU A 308 13.80 7.09 3.87
N ILE A 309 13.43 6.42 4.95
CA ILE A 309 12.06 6.56 5.52
C ILE A 309 11.83 8.05 5.85
N GLN A 310 12.80 8.73 6.45
CA GLN A 310 12.66 10.15 6.87
C GLN A 310 12.46 11.03 5.63
N LYS A 311 13.08 10.69 4.51
CA LYS A 311 13.02 11.50 3.28
C LYS A 311 11.66 11.30 2.62
N MET A 312 11.15 10.08 2.66
CA MET A 312 9.82 9.74 2.13
C MET A 312 8.76 10.40 3.01
N LEU A 313 9.03 10.61 4.31
CA LEU A 313 8.05 11.22 5.22
C LEU A 313 8.35 12.69 5.46
N GLU A 314 8.98 13.37 4.49
CA GLU A 314 9.05 14.84 4.39
C GLU A 314 7.62 15.42 4.23
N TYR A 315 7.29 16.44 5.00
CA TYR A 315 5.91 16.97 5.03
C TYR A 315 5.61 17.65 3.71
N ASP A 316 6.54 18.45 3.22
CA ASP A 316 6.30 19.31 2.04
CA ASP A 316 6.31 19.30 2.03
C ASP A 316 6.46 18.44 0.78
N PRO A 317 5.34 18.20 0.05
CA PRO A 317 5.39 17.31 -1.12
C PRO A 317 6.29 17.84 -2.25
N ALA A 318 6.47 19.17 -2.29
CA ALA A 318 7.41 19.87 -3.19
C ALA A 318 8.85 19.48 -2.84
N LYS A 319 9.16 19.17 -1.59
CA LYS A 319 10.55 18.85 -1.17
C LYS A 319 10.75 17.32 -1.09
N ARG A 320 9.67 16.55 -0.92
CA ARG A 320 9.74 15.10 -0.65
C ARG A 320 10.54 14.41 -1.77
N ILE A 321 11.44 13.50 -1.39
CA ILE A 321 12.23 12.69 -2.35
C ILE A 321 11.30 12.05 -3.42
N THR A 322 11.76 11.96 -4.64
CA THR A 322 11.09 11.19 -5.70
C THR A 322 11.56 9.75 -5.60
N LEU A 323 10.79 8.87 -6.21
CA LEU A 323 11.14 7.45 -6.31
C LEU A 323 12.35 7.32 -7.23
N ARG A 324 12.48 8.18 -8.25
CA ARG A 324 13.70 8.20 -9.10
C ARG A 324 14.92 8.31 -8.17
N GLU A 325 14.94 9.32 -7.27
CA GLU A 325 16.04 9.55 -6.28
C GLU A 325 16.05 8.40 -5.24
N ALA A 326 14.89 7.92 -4.77
CA ALA A 326 14.80 6.85 -3.72
C ALA A 326 15.58 5.62 -4.23
N LEU A 327 15.39 5.30 -5.49
CA LEU A 327 15.98 4.10 -6.14
C LEU A 327 17.50 4.20 -6.11
N LYS A 328 18.04 5.40 -5.86
CA LYS A 328 19.48 5.65 -5.87
C LYS A 328 20.04 5.77 -4.44
N HIS A 329 19.18 5.69 -3.41
CA HIS A 329 19.55 5.88 -1.98
C HIS A 329 20.56 4.82 -1.54
N PRO A 330 21.55 5.19 -0.69
CA PRO A 330 22.51 4.21 -0.17
C PRO A 330 21.92 2.91 0.42
N PHE A 331 20.66 2.89 0.88
CA PHE A 331 20.04 1.67 1.45
C PHE A 331 20.06 0.55 0.42
N PHE A 332 20.03 0.91 -0.87
CA PHE A 332 19.93 -0.05 -2.02
C PHE A 332 21.31 -0.39 -2.57
N ASP A 333 22.38 0.29 -2.10
CA ASP A 333 23.78 -0.01 -2.56
C ASP A 333 24.08 -1.50 -2.41
N LEU A 334 23.61 -2.12 -1.33
CA LEU A 334 23.85 -3.55 -1.08
C LEU A 334 23.36 -4.39 -2.26
N LEU A 335 22.25 -4.03 -2.93
CA LEU A 335 21.67 -4.79 -4.09
C LEU A 335 22.52 -4.64 -5.37
N LYS A 336 23.39 -3.64 -5.43
CA LYS A 336 24.19 -3.35 -6.65
C LYS A 336 25.65 -3.76 -6.39
N LYS A 337 25.89 -4.60 -5.37
CA LYS A 337 27.23 -5.14 -5.05
C LYS A 337 27.65 -6.04 -6.20
N SER A 338 28.81 -5.74 -6.77
CA SER A 338 29.33 -6.22 -8.08
C SER A 338 30.85 -6.40 -7.93
N ILE A 339 31.29 -6.54 -6.66
CA ILE A 339 32.68 -6.69 -6.10
C ILE A 339 33.64 -5.64 -6.71
C1 EAE B . -7.14 -9.83 -2.93
C2 EAE B . -5.86 -9.20 -3.41
C11 EAE B . -3.61 -13.81 -5.06
C12 EAE B . -4.83 -11.23 -5.45
C13 EAE B . -5.34 -9.97 -5.75
C14 EAE B . -6.99 -6.87 -4.82
C15 EAE B . -7.51 -5.73 -5.47
C16 EAE B . -8.18 -4.69 -4.63
N3 EAE B . -5.85 -9.02 -4.87
C4 EAE B . -6.35 -7.89 -5.47
S5 EAE B . -6.13 -7.98 -7.20
C6 EAE B . -5.40 -9.55 -7.07
C7 EAE B . -4.88 -10.34 -8.09
C8 EAE B . -4.32 -11.56 -7.78
C9 EAE B . -4.31 -12.01 -6.48
O10 EAE B . -3.70 -13.24 -6.36
O17 EAE B . -7.43 -5.57 -6.71
#